data_7RY5
#
_entry.id   7RY5
#
_cell.length_a   36.604
_cell.length_b   69.655
_cell.length_c   120.845
_cell.angle_alpha   90.000
_cell.angle_beta   90.000
_cell.angle_gamma   90.000
#
_symmetry.space_group_name_H-M   'P 2 21 21'
#
loop_
_entity.id
_entity.type
_entity.pdbx_description
1 polymer 'Cellular retinoic acid-binding protein 2'
2 non-polymer '4-[6-({4-[(fluorosulfonyl)oxy]phenyl}ethynyl)-4,4-dimethyl-3,4-dihydroquinolin-1(2H)-yl]-4-oxobutanoic acid'
3 water water
#
_entity_poly.entity_id   1
_entity_poly.type   'polypeptide(L)'
_entity_poly.pdbx_seq_one_letter_code
;MHHHHHHENLYFQGPNFSGNWKIIRSENFEELLKVLGVNVMLRKIAVAAASKPAVEIKQEGDTFYIKTSTTVRTTEINFK
VGEEFEEQTVDGRPCKSLVKWESENKMVCEQKLLKGEGPKTSWTRELTNDGELILTMTADDVVCTRVYVRE
;
_entity_poly.pdbx_strand_id   AAA,BBB
#
# COMPACT_ATOMS: atom_id res chain seq x y z
N GLY A 14 10.22 26.30 7.63
CA GLY A 14 9.53 24.95 7.60
C GLY A 14 10.23 23.97 8.53
N PRO A 15 9.75 22.73 8.67
CA PRO A 15 10.42 21.78 9.57
C PRO A 15 11.58 21.17 8.77
N ASN A 16 12.55 20.77 9.60
CA ASN A 16 13.83 20.13 9.18
C ASN A 16 13.52 18.69 8.75
N PHE A 17 13.88 18.32 7.52
CA PHE A 17 13.74 16.96 6.96
C PHE A 17 14.92 16.08 7.36
N SER A 18 15.97 16.63 7.99
CA SER A 18 17.24 15.92 8.26
C SER A 18 17.01 14.71 9.16
N GLY A 19 17.73 13.61 8.85
CA GLY A 19 17.78 12.43 9.70
C GLY A 19 17.75 11.13 8.91
N ASN A 20 17.59 10.04 9.64
CA ASN A 20 17.46 8.68 9.09
C ASN A 20 15.98 8.32 9.17
N TRP A 21 15.36 7.99 8.04
CA TRP A 21 13.89 7.73 7.95
C TRP A 21 13.66 6.24 7.70
N LYS A 22 12.61 5.69 8.30
CA LYS A 22 12.30 4.24 8.24
C LYS A 22 10.88 4.11 7.71
N ILE A 23 10.69 3.21 6.75
CA ILE A 23 9.36 3.02 6.10
C ILE A 23 8.40 2.44 7.15
N ILE A 24 7.16 2.93 7.22
CA ILE A 24 6.09 2.29 8.05
C ILE A 24 4.90 1.86 7.17
N ARG A 25 4.62 2.55 6.09
CA ARG A 25 3.49 2.16 5.21
C ARG A 25 3.87 2.47 3.77
N SER A 26 3.47 1.57 2.87
CA SER A 26 3.68 1.73 1.41
C SER A 26 2.38 1.37 0.70
N GLU A 27 1.92 2.23 -0.23
CA GLU A 27 0.79 1.90 -1.12
C GLU A 27 1.24 2.01 -2.57
N ASN A 28 0.94 0.99 -3.37
CA ASN A 28 0.90 0.99 -4.84
C ASN A 28 2.29 1.19 -5.41
N PHE A 29 3.36 0.78 -4.73
CA PHE A 29 4.73 0.84 -5.32
C PHE A 29 4.77 -0.10 -6.52
N GLU A 30 4.32 -1.35 -6.35
CA GLU A 30 4.35 -2.29 -7.49
C GLU A 30 3.47 -1.77 -8.64
N GLU A 31 2.27 -1.30 -8.34
CA GLU A 31 1.29 -0.80 -9.34
C GLU A 31 2.00 0.26 -10.17
N LEU A 32 2.74 1.14 -9.52
CA LEU A 32 3.41 2.26 -10.18
C LEU A 32 4.47 1.71 -11.14
N LEU A 33 5.26 0.75 -10.69
CA LEU A 33 6.34 0.17 -11.55
C LEU A 33 5.70 -0.54 -12.74
N LYS A 34 4.54 -1.16 -12.53
CA LYS A 34 3.86 -1.95 -13.58
C LYS A 34 3.37 -1.00 -14.67
N VAL A 35 2.70 0.11 -14.31
CA VAL A 35 2.19 1.11 -15.30
C VAL A 35 3.36 1.79 -16.01
N LEU A 36 4.55 1.78 -15.42
CA LEU A 36 5.77 2.31 -16.09
C LEU A 36 6.43 1.25 -16.96
N GLY A 37 5.87 0.04 -17.04
CA GLY A 37 6.38 -1.02 -17.92
C GLY A 37 7.53 -1.82 -17.31
N VAL A 38 7.78 -1.73 -16.01
CA VAL A 38 8.87 -2.56 -15.41
C VAL A 38 8.38 -4.03 -15.43
N ASN A 39 9.25 -4.95 -15.82
CA ASN A 39 8.87 -6.39 -15.90
C ASN A 39 8.69 -6.96 -14.50
N VAL A 40 7.98 -8.07 -14.44
CA VAL A 40 7.45 -8.63 -13.18
C VAL A 40 8.63 -9.09 -12.31
N MET A 41 9.69 -9.61 -12.91
CA MET A 41 10.86 -10.09 -12.10
C MET A 41 11.48 -8.87 -11.37
N LEU A 42 11.69 -7.77 -12.11
CA LEU A 42 12.30 -6.54 -11.58
C LEU A 42 11.34 -5.89 -10.57
N ARG A 43 10.02 -5.93 -10.82
CA ARG A 43 9.06 -5.38 -9.84
C ARG A 43 9.21 -6.15 -8.52
N LYS A 44 9.21 -7.47 -8.54
CA LYS A 44 9.25 -8.24 -7.26
C LYS A 44 10.56 -7.91 -6.53
N ILE A 45 11.67 -7.78 -7.24
CA ILE A 45 12.97 -7.44 -6.61
C ILE A 45 12.85 -6.06 -5.96
N ALA A 46 12.24 -5.12 -6.68
CA ALA A 46 12.12 -3.73 -6.22
C ALA A 46 11.25 -3.71 -4.96
N VAL A 47 10.16 -4.47 -4.93
CA VAL A 47 9.21 -4.45 -3.80
C VAL A 47 9.91 -5.04 -2.57
N ALA A 48 10.63 -6.14 -2.76
CA ALA A 48 11.41 -6.82 -1.70
C ALA A 48 12.48 -5.86 -1.15
N ALA A 49 13.21 -5.20 -2.01
CA ALA A 49 14.29 -4.27 -1.64
C ALA A 49 13.70 -3.09 -0.84
N ALA A 50 12.64 -2.52 -1.36
CA ALA A 50 11.98 -1.32 -0.79
C ALA A 50 11.29 -1.69 0.53
N SER A 51 11.16 -2.96 0.87
CA SER A 51 10.58 -3.41 2.16
C SER A 51 11.46 -2.99 3.34
N LYS A 52 12.74 -2.72 3.13
CA LYS A 52 13.64 -2.29 4.23
C LYS A 52 14.67 -1.36 3.66
N PRO A 53 14.26 -0.15 3.29
CA PRO A 53 15.19 0.82 2.78
C PRO A 53 15.82 1.58 3.95
N ALA A 54 16.90 2.28 3.65
CA ALA A 54 17.47 3.31 4.52
C ALA A 54 17.38 4.62 3.73
N VAL A 55 16.76 5.63 4.33
CA VAL A 55 16.71 7.00 3.77
C VAL A 55 17.46 7.94 4.72
N GLU A 56 18.51 8.57 4.21
CA GLU A 56 19.31 9.59 4.91
C GLU A 56 19.06 10.89 4.15
N ILE A 57 18.54 11.87 4.86
CA ILE A 57 18.35 13.25 4.37
C ILE A 57 19.25 14.19 5.19
N LYS A 58 20.05 15.00 4.50
CA LYS A 58 20.75 16.18 5.08
C LYS A 58 20.17 17.43 4.41
N GLN A 59 19.34 18.17 5.14
CA GLN A 59 18.75 19.46 4.68
C GLN A 59 19.53 20.64 5.26
N GLU A 60 20.07 21.48 4.38
CA GLU A 60 20.66 22.80 4.71
C GLU A 60 19.84 23.89 4.01
N GLY A 61 18.83 24.38 4.69
CA GLY A 61 17.88 25.36 4.14
C GLY A 61 17.13 24.77 2.97
N ASP A 62 17.34 25.34 1.78
CA ASP A 62 16.73 24.87 0.51
C ASP A 62 17.63 23.83 -0.15
N THR A 63 18.79 23.51 0.45
CA THR A 63 19.73 22.50 -0.11
C THR A 63 19.48 21.13 0.54
N PHE A 64 19.32 20.12 -0.29
CA PHE A 64 19.02 18.73 0.13
C PHE A 64 20.05 17.77 -0.45
N TYR A 65 20.46 16.84 0.41
CA TYR A 65 21.09 15.56 0.07
C TYR A 65 20.13 14.48 0.53
N ILE A 66 19.77 13.57 -0.37
CA ILE A 66 18.87 12.43 -0.02
C ILE A 66 19.51 11.16 -0.55
N LYS A 67 19.86 10.26 0.36
CA LYS A 67 20.42 8.93 0.02
C LYS A 67 19.37 7.86 0.32
N THR A 68 18.96 7.17 -0.71
CA THR A 68 17.98 6.09 -0.57
C THR A 68 18.72 4.79 -0.87
N SER A 69 18.85 3.91 0.10
CA SER A 69 19.60 2.66 -0.13
C SER A 69 18.71 1.43 0.17
N THR A 70 18.80 0.45 -0.72
CA THR A 70 18.34 -0.93 -0.47
C THR A 70 19.54 -1.83 -0.77
N THR A 71 19.40 -3.11 -0.56
CA THR A 71 20.48 -4.09 -0.84
C THR A 71 20.85 -4.03 -2.32
N VAL A 72 19.90 -3.79 -3.20
CA VAL A 72 20.14 -3.94 -4.66
C VAL A 72 20.36 -2.58 -5.32
N ARG A 73 20.03 -1.47 -4.69
CA ARG A 73 20.06 -0.16 -5.39
C ARG A 73 20.22 0.96 -4.39
N THR A 74 21.13 1.87 -4.67
CA THR A 74 21.36 3.12 -3.90
C THR A 74 21.27 4.28 -4.88
N THR A 75 20.47 5.29 -4.54
CA THR A 75 20.48 6.61 -5.21
C THR A 75 20.93 7.66 -4.20
N GLU A 76 21.65 8.64 -4.71
CA GLU A 76 22.08 9.85 -3.96
C GLU A 76 21.67 11.03 -4.82
N ILE A 77 20.75 11.87 -4.35
CA ILE A 77 20.44 13.10 -5.13
C ILE A 77 20.88 14.32 -4.32
N ASN A 78 21.22 15.37 -5.05
CA ASN A 78 21.64 16.68 -4.52
C ASN A 78 20.82 17.71 -5.27
N PHE A 79 20.08 18.55 -4.58
CA PHE A 79 19.27 19.59 -5.25
C PHE A 79 19.12 20.80 -4.32
N LYS A 80 19.01 21.97 -4.93
CA LYS A 80 18.52 23.21 -4.28
C LYS A 80 17.09 23.40 -4.75
N VAL A 81 16.15 23.57 -3.84
CA VAL A 81 14.77 23.93 -4.23
C VAL A 81 14.89 25.13 -5.17
N GLY A 82 14.27 25.05 -6.35
CA GLY A 82 14.23 26.14 -7.36
C GLY A 82 15.33 26.05 -8.39
N GLU A 83 16.22 25.06 -8.34
CA GLU A 83 17.27 24.85 -9.37
C GLU A 83 17.10 23.47 -9.98
N GLU A 84 17.29 23.37 -11.29
CA GLU A 84 17.20 22.08 -12.03
C GLU A 84 18.37 21.18 -11.61
N PHE A 85 18.14 19.89 -11.53
CA PHE A 85 19.17 18.90 -11.16
C PHE A 85 18.90 17.60 -11.91
N GLU A 86 19.89 16.72 -11.95
CA GLU A 86 19.74 15.38 -12.56
C GLU A 86 19.47 14.35 -11.47
N GLU A 87 18.58 13.41 -11.75
CA GLU A 87 18.33 12.21 -10.92
C GLU A 87 17.82 11.12 -11.86
N GLN A 88 17.15 10.12 -11.31
CA GLN A 88 16.48 9.07 -12.11
C GLN A 88 15.01 9.04 -11.72
N THR A 89 14.18 8.61 -12.65
CA THR A 89 12.77 8.28 -12.38
C THR A 89 12.77 7.08 -11.44
N VAL A 90 11.63 6.79 -10.82
CA VAL A 90 11.46 5.58 -9.95
C VAL A 90 11.86 4.31 -10.73
N ASP A 91 11.65 4.26 -12.05
CA ASP A 91 12.02 3.08 -12.87
C ASP A 91 13.43 3.24 -13.47
N GLY A 92 14.18 4.23 -13.03
CA GLY A 92 15.63 4.29 -13.21
C GLY A 92 16.04 4.92 -14.54
N ARG A 93 15.20 5.78 -15.11
CA ARG A 93 15.54 6.51 -16.35
CA ARG A 93 15.52 6.51 -16.35
C ARG A 93 16.12 7.86 -15.96
N PRO A 94 17.28 8.25 -16.53
CA PRO A 94 17.85 9.57 -16.24
C PRO A 94 16.85 10.69 -16.58
N CYS A 95 16.68 11.64 -15.66
CA CYS A 95 15.74 12.78 -15.83
C CYS A 95 16.35 14.06 -15.27
N LYS A 96 15.83 15.19 -15.73
CA LYS A 96 16.13 16.54 -15.20
C LYS A 96 14.89 16.96 -14.39
N SER A 97 15.10 17.34 -13.14
CA SER A 97 14.01 17.58 -12.16
C SER A 97 14.04 19.02 -11.71
N LEU A 98 12.89 19.54 -11.30
CA LEU A 98 12.79 20.81 -10.57
C LEU A 98 11.89 20.65 -9.36
N VAL A 99 12.38 21.09 -8.20
CA VAL A 99 11.60 21.09 -6.93
C VAL A 99 11.13 22.51 -6.63
N LYS A 100 9.90 22.64 -6.15
CA LYS A 100 9.37 23.91 -5.61
C LYS A 100 8.71 23.58 -4.27
N TRP A 101 8.67 24.53 -3.36
CA TRP A 101 7.81 24.48 -2.15
C TRP A 101 6.35 24.70 -2.55
N GLU A 102 5.46 23.78 -2.22
CA GLU A 102 3.99 23.98 -2.34
C GLU A 102 3.48 24.57 -1.03
N SER A 103 4.14 24.25 0.07
CA SER A 103 3.84 24.82 1.42
C SER A 103 5.14 24.76 2.22
N GLU A 104 5.14 25.32 3.44
CA GLU A 104 6.27 25.21 4.39
C GLU A 104 6.69 23.73 4.54
N ASN A 105 5.74 22.81 4.43
CA ASN A 105 5.91 21.40 4.86
C ASN A 105 6.05 20.43 3.68
N LYS A 106 5.95 20.90 2.43
CA LYS A 106 5.75 19.98 1.29
C LYS A 106 6.45 20.51 0.05
N MET A 107 7.35 19.70 -0.48
CA MET A 107 8.02 20.03 -1.75
C MET A 107 7.42 19.15 -2.85
N VAL A 108 7.31 19.71 -4.05
CA VAL A 108 6.78 19.02 -5.24
C VAL A 108 7.84 19.11 -6.33
N CYS A 109 7.94 18.06 -7.10
CA CYS A 109 9.01 17.87 -8.08
C CYS A 109 8.39 17.34 -9.36
N GLU A 110 8.77 17.94 -10.48
CA GLU A 110 8.44 17.42 -11.83
C GLU A 110 9.73 16.98 -12.50
N GLN A 111 9.68 15.84 -13.18
CA GLN A 111 10.83 15.18 -13.84
C GLN A 111 10.62 15.21 -15.35
N LYS A 112 11.62 15.65 -16.12
CA LYS A 112 11.60 15.54 -17.60
C LYS A 112 12.71 14.58 -17.98
N LEU A 113 12.46 13.60 -18.85
CA LEU A 113 13.51 12.63 -19.28
C LEU A 113 14.65 13.40 -19.97
N LEU A 114 15.88 12.90 -19.82
CA LEU A 114 17.07 13.49 -20.49
C LEU A 114 17.00 13.11 -21.97
N LYS A 115 16.64 11.86 -22.27
CA LYS A 115 16.56 11.33 -23.66
C LYS A 115 15.15 10.79 -23.90
N GLY A 116 14.60 11.05 -25.09
CA GLY A 116 13.32 10.51 -25.55
C GLY A 116 12.15 11.09 -24.77
N GLU A 117 10.95 10.59 -25.04
CA GLU A 117 9.72 10.86 -24.25
C GLU A 117 9.42 9.64 -23.36
N GLY A 118 8.39 9.81 -22.52
CA GLY A 118 7.84 8.81 -21.59
C GLY A 118 6.64 9.42 -20.86
N PRO A 119 6.09 8.68 -19.90
CA PRO A 119 4.98 9.19 -19.08
C PRO A 119 5.44 10.35 -18.17
N LYS A 120 4.52 11.22 -17.80
CA LYS A 120 4.83 12.37 -16.91
C LYS A 120 5.02 11.75 -15.54
N THR A 121 6.18 11.95 -14.91
CA THR A 121 6.44 11.45 -13.54
C THR A 121 6.71 12.66 -12.64
N SER A 122 6.34 12.49 -11.39
CA SER A 122 6.54 13.53 -10.37
C SER A 122 6.67 12.86 -9.01
N TRP A 123 7.22 13.60 -8.06
CA TRP A 123 7.20 13.19 -6.66
C TRP A 123 6.90 14.38 -5.77
N THR A 124 6.47 14.06 -4.57
CA THR A 124 6.23 15.04 -3.52
C THR A 124 6.83 14.47 -2.25
N ARG A 125 7.41 15.32 -1.43
CA ARG A 125 7.86 14.93 -0.07
C ARG A 125 7.30 15.97 0.89
N GLU A 126 6.66 15.49 1.95
CA GLU A 126 5.98 16.35 2.93
C GLU A 126 6.34 15.83 4.32
N LEU A 127 6.67 16.76 5.21
CA LEU A 127 6.89 16.49 6.63
C LEU A 127 5.62 16.91 7.34
N THR A 128 4.85 15.95 7.85
CA THR A 128 3.51 16.21 8.44
C THR A 128 3.70 16.85 9.83
N ASN A 129 2.63 17.42 10.37
CA ASN A 129 2.58 18.03 11.71
C ASN A 129 2.88 16.97 12.79
N ASP A 130 2.54 15.70 12.54
CA ASP A 130 2.84 14.58 13.49
C ASP A 130 4.23 13.97 13.21
N GLY A 131 5.11 14.59 12.42
CA GLY A 131 6.50 14.11 12.24
C GLY A 131 6.70 13.02 11.19
N GLU A 132 5.66 12.63 10.44
CA GLU A 132 5.78 11.62 9.35
C GLU A 132 6.32 12.26 8.07
N LEU A 133 7.19 11.54 7.39
CA LEU A 133 7.65 11.96 6.05
C LEU A 133 6.84 11.14 5.05
N ILE A 134 6.04 11.82 4.23
CA ILE A 134 5.28 11.16 3.14
C ILE A 134 5.96 11.48 1.80
N LEU A 135 6.38 10.44 1.11
CA LEU A 135 6.83 10.53 -0.29
C LEU A 135 5.67 10.03 -1.16
N THR A 136 5.23 10.83 -2.12
CA THR A 136 4.25 10.34 -3.12
C THR A 136 4.99 10.35 -4.45
N MET A 137 4.76 9.32 -5.27
CA MET A 137 5.32 9.22 -6.63
C MET A 137 4.17 8.88 -7.54
N THR A 138 4.12 9.59 -8.68
CA THR A 138 2.99 9.56 -9.61
C THR A 138 3.47 9.18 -10.99
N ALA A 139 2.68 8.33 -11.66
CA ALA A 139 2.74 8.12 -13.12
C ALA A 139 1.36 7.71 -13.64
N ASP A 140 0.94 8.29 -14.76
CA ASP A 140 -0.44 8.09 -15.28
C ASP A 140 -1.41 8.34 -14.12
N ASP A 141 -2.31 7.40 -13.85
CA ASP A 141 -3.37 7.58 -12.84
C ASP A 141 -2.92 6.93 -11.54
N VAL A 142 -1.67 6.46 -11.46
CA VAL A 142 -1.23 5.67 -10.28
C VAL A 142 -0.51 6.61 -9.30
N VAL A 143 -0.91 6.53 -8.05
CA VAL A 143 -0.30 7.30 -6.94
C VAL A 143 0.30 6.30 -5.95
N CYS A 144 1.62 6.31 -5.84
CA CYS A 144 2.34 5.53 -4.81
C CYS A 144 2.59 6.44 -3.60
N THR A 145 2.28 5.98 -2.39
CA THR A 145 2.59 6.72 -1.15
C THR A 145 3.52 5.87 -0.29
N ARG A 146 4.60 6.49 0.21
CA ARG A 146 5.51 5.83 1.16
C ARG A 146 5.60 6.75 2.40
N VAL A 147 5.25 6.21 3.53
CA VAL A 147 5.22 6.95 4.81
C VAL A 147 6.39 6.45 5.67
N TYR A 148 7.18 7.40 6.16
CA TYR A 148 8.32 7.14 7.04
C TYR A 148 8.19 7.89 8.36
N VAL A 149 8.87 7.34 9.35
CA VAL A 149 9.13 7.97 10.67
C VAL A 149 10.65 8.10 10.82
N ARG A 150 11.07 9.07 11.60
CA ARG A 150 12.49 9.35 11.85
C ARG A 150 12.99 8.36 12.89
N GLU A 151 14.11 7.71 12.62
CA GLU A 151 14.79 6.80 13.56
C GLU A 151 15.45 7.61 14.69
N ASN B 9 -2.12 -32.45 20.13
CA ASN B 9 -3.26 -31.74 19.45
C ASN B 9 -3.37 -32.20 17.97
N LEU B 10 -3.91 -31.37 17.09
CA LEU B 10 -4.42 -31.78 15.75
C LEU B 10 -3.31 -31.77 14.72
N TYR B 11 -3.49 -32.51 13.64
CA TYR B 11 -2.60 -32.42 12.46
C TYR B 11 -3.02 -31.20 11.63
N PHE B 12 -2.04 -30.45 11.13
CA PHE B 12 -2.23 -29.32 10.17
C PHE B 12 -3.11 -28.23 10.82
N GLN B 13 -2.94 -28.06 12.13
CA GLN B 13 -3.36 -26.90 12.95
C GLN B 13 -2.56 -25.69 12.49
N GLY B 14 -3.20 -24.75 11.79
CA GLY B 14 -2.55 -23.49 11.39
C GLY B 14 -2.07 -22.69 12.58
N PRO B 15 -1.38 -21.56 12.34
CA PRO B 15 -1.06 -20.62 13.41
C PRO B 15 -2.34 -19.85 13.78
N ASN B 16 -2.41 -19.30 14.99
CA ASN B 16 -3.58 -18.53 15.46
C ASN B 16 -3.44 -17.08 14.95
N PHE B 17 -4.50 -16.57 14.33
CA PHE B 17 -4.57 -15.24 13.70
C PHE B 17 -4.88 -14.16 14.72
N SER B 18 -5.12 -14.51 15.99
CA SER B 18 -5.65 -13.60 17.01
C SER B 18 -4.70 -12.41 17.17
N GLY B 19 -5.25 -11.23 17.38
CA GLY B 19 -4.45 -10.06 17.74
C GLY B 19 -4.91 -8.81 17.06
N ASN B 20 -4.11 -7.78 17.21
CA ASN B 20 -4.33 -6.43 16.69
C ASN B 20 -3.28 -6.24 15.61
N TRP B 21 -3.75 -5.87 14.44
CA TRP B 21 -2.94 -5.83 13.21
C TRP B 21 -2.92 -4.39 12.68
N LYS B 22 -1.78 -3.99 12.13
CA LYS B 22 -1.64 -2.68 11.47
C LYS B 22 -1.07 -2.93 10.08
N ILE B 23 -1.43 -2.09 9.13
CA ILE B 23 -1.05 -2.27 7.73
C ILE B 23 0.39 -1.79 7.55
N ILE B 24 1.13 -2.45 6.69
CA ILE B 24 2.46 -1.96 6.22
C ILE B 24 2.48 -1.84 4.70
N ARG B 25 1.60 -2.52 3.96
CA ARG B 25 1.72 -2.55 2.49
C ARG B 25 0.33 -2.69 1.90
N SER B 26 0.03 -1.98 0.81
CA SER B 26 -1.23 -2.12 0.05
C SER B 26 -0.91 -2.04 -1.44
N GLU B 27 -1.60 -2.85 -2.25
CA GLU B 27 -1.56 -2.76 -3.72
C GLU B 27 -2.96 -2.85 -4.27
N ASN B 28 -3.27 -1.95 -5.22
CA ASN B 28 -4.43 -2.08 -6.13
C ASN B 28 -5.75 -1.85 -5.39
N PHE B 29 -5.80 -1.22 -4.20
CA PHE B 29 -7.10 -1.00 -3.50
C PHE B 29 -8.04 -0.17 -4.39
N GLU B 30 -7.54 0.96 -4.90
CA GLU B 30 -8.40 1.86 -5.69
C GLU B 30 -8.88 1.12 -6.94
N GLU B 31 -7.99 0.39 -7.62
CA GLU B 31 -8.36 -0.35 -8.85
C GLU B 31 -9.48 -1.34 -8.55
N LEU B 32 -9.44 -2.02 -7.41
CA LEU B 32 -10.47 -3.01 -7.00
C LEU B 32 -11.82 -2.25 -6.89
N LEU B 33 -11.84 -1.13 -6.17
CA LEU B 33 -13.07 -0.31 -6.04
C LEU B 33 -13.54 0.13 -7.43
N LYS B 34 -12.64 0.50 -8.34
CA LYS B 34 -13.03 0.95 -9.68
C LYS B 34 -13.75 -0.19 -10.43
N VAL B 35 -13.17 -1.38 -10.49
CA VAL B 35 -13.79 -2.50 -11.27
C VAL B 35 -15.13 -2.85 -10.65
N LEU B 36 -15.33 -2.56 -9.38
CA LEU B 36 -16.62 -2.80 -8.71
C LEU B 36 -17.58 -1.62 -8.92
N GLY B 37 -17.20 -0.60 -9.69
CA GLY B 37 -18.12 0.50 -10.05
C GLY B 37 -18.26 1.58 -8.99
N VAL B 38 -17.36 1.62 -7.99
CA VAL B 38 -17.43 2.68 -6.95
C VAL B 38 -16.95 3.96 -7.60
N ASN B 39 -17.70 5.04 -7.51
CA ASN B 39 -17.40 6.28 -8.27
C ASN B 39 -16.16 6.92 -7.63
N VAL B 40 -15.50 7.76 -8.40
CA VAL B 40 -14.17 8.30 -8.05
C VAL B 40 -14.24 9.12 -6.75
N MET B 41 -15.35 9.81 -6.45
CA MET B 41 -15.43 10.66 -5.23
C MET B 41 -15.45 9.74 -4.01
N LEU B 42 -16.25 8.67 -4.09
CA LEU B 42 -16.26 7.65 -3.02
C LEU B 42 -14.90 6.95 -2.94
N ARG B 43 -14.24 6.68 -4.06
CA ARG B 43 -12.93 5.98 -4.01
C ARG B 43 -11.92 6.83 -3.22
N LYS B 44 -11.94 8.14 -3.44
CA LYS B 44 -10.96 9.04 -2.79
C LYS B 44 -11.17 8.97 -1.28
N ILE B 45 -12.42 8.99 -0.81
CA ILE B 45 -12.74 8.86 0.63
C ILE B 45 -12.29 7.49 1.14
N ALA B 46 -12.60 6.41 0.41
CA ALA B 46 -12.26 5.04 0.85
C ALA B 46 -10.74 4.87 0.94
N VAL B 47 -10.02 5.33 -0.08
CA VAL B 47 -8.54 5.13 -0.13
C VAL B 47 -7.96 5.83 1.10
N ALA B 48 -8.36 7.07 1.36
CA ALA B 48 -7.83 7.87 2.49
C ALA B 48 -8.16 7.15 3.80
N ALA B 49 -9.40 6.70 4.01
CA ALA B 49 -9.84 6.00 5.24
C ALA B 49 -9.02 4.72 5.44
N ALA B 50 -8.77 4.01 4.36
CA ALA B 50 -8.24 2.64 4.36
C ALA B 50 -6.72 2.69 4.46
N SER B 51 -6.12 3.89 4.55
CA SER B 51 -4.64 4.00 4.62
CA SER B 51 -4.65 4.06 4.66
C SER B 51 -4.14 3.55 6.01
N LYS B 52 -4.96 3.71 7.06
CA LYS B 52 -4.52 3.41 8.44
C LYS B 52 -5.61 2.64 9.17
N PRO B 53 -5.97 1.43 8.71
CA PRO B 53 -7.03 0.65 9.36
C PRO B 53 -6.55 0.08 10.69
N ALA B 54 -7.47 -0.28 11.57
CA ALA B 54 -7.14 -1.10 12.75
C ALA B 54 -7.89 -2.43 12.59
N VAL B 55 -7.16 -3.54 12.64
CA VAL B 55 -7.77 -4.88 12.46
C VAL B 55 -7.59 -5.64 13.76
N GLU B 56 -8.71 -6.05 14.34
CA GLU B 56 -8.74 -6.92 15.54
C GLU B 56 -9.28 -8.26 15.10
N ILE B 57 -8.54 -9.34 15.38
CA ILE B 57 -9.02 -10.73 15.11
C ILE B 57 -9.05 -11.48 16.44
N LYS B 58 -10.13 -12.21 16.70
CA LYS B 58 -10.21 -13.23 17.78
C LYS B 58 -10.54 -14.56 17.12
N GLN B 59 -9.63 -15.51 17.23
CA GLN B 59 -9.79 -16.84 16.63
C GLN B 59 -9.85 -17.84 17.77
N GLU B 60 -10.90 -18.65 17.79
CA GLU B 60 -11.03 -19.80 18.73
C GLU B 60 -11.34 -21.03 17.90
N GLY B 61 -10.44 -21.99 17.82
CA GLY B 61 -10.51 -23.07 16.82
C GLY B 61 -10.64 -22.45 15.43
N ASP B 62 -11.64 -22.82 14.64
CA ASP B 62 -11.85 -22.26 13.27
C ASP B 62 -12.98 -21.24 13.26
N THR B 63 -13.26 -20.64 14.42
CA THR B 63 -14.27 -19.60 14.63
C THR B 63 -13.53 -18.27 14.75
N PHE B 64 -13.90 -17.32 13.91
CA PHE B 64 -13.26 -15.99 13.80
C PHE B 64 -14.28 -14.88 14.04
N TYR B 65 -13.80 -13.86 14.74
CA TYR B 65 -14.33 -12.49 14.79
C TYR B 65 -13.24 -11.58 14.21
N ILE B 66 -13.62 -10.79 13.21
CA ILE B 66 -12.69 -9.87 12.50
C ILE B 66 -13.39 -8.52 12.40
N LYS B 67 -12.81 -7.56 13.08
CA LYS B 67 -13.24 -6.15 13.07
C LYS B 67 -12.18 -5.35 12.34
N THR B 68 -12.63 -4.62 11.33
CA THR B 68 -11.80 -3.78 10.46
C THR B 68 -12.32 -2.36 10.62
N SER B 69 -11.57 -1.47 11.25
CA SER B 69 -12.01 -0.10 11.65
C SER B 69 -11.26 0.91 10.81
N THR B 70 -11.97 1.82 10.16
CA THR B 70 -11.38 3.07 9.60
C THR B 70 -12.13 4.28 10.17
N THR B 71 -11.73 5.49 9.82
CA THR B 71 -12.46 6.73 10.25
C THR B 71 -13.94 6.63 9.87
N VAL B 72 -14.25 6.10 8.70
CA VAL B 72 -15.58 6.29 8.06
C VAL B 72 -16.42 5.00 8.07
N ARG B 73 -15.83 3.84 8.36
CA ARG B 73 -16.54 2.55 8.18
CA ARG B 73 -16.52 2.53 8.15
C ARG B 73 -15.87 1.51 9.08
N THR B 74 -16.67 0.81 9.88
CA THR B 74 -16.24 -0.38 10.66
C THR B 74 -17.02 -1.57 10.12
N THR B 75 -16.36 -2.67 9.84
CA THR B 75 -17.00 -3.98 9.56
C THR B 75 -16.62 -4.92 10.72
N GLU B 76 -17.58 -5.71 11.17
CA GLU B 76 -17.38 -6.84 12.09
C GLU B 76 -17.95 -8.06 11.39
N ILE B 77 -17.13 -9.09 11.19
CA ILE B 77 -17.64 -10.32 10.57
C ILE B 77 -17.36 -11.46 11.56
N ASN B 78 -18.27 -12.41 11.55
CA ASN B 78 -18.27 -13.61 12.42
C ASN B 78 -18.46 -14.81 11.52
N PHE B 79 -17.54 -15.76 11.55
CA PHE B 79 -17.68 -16.99 10.76
C PHE B 79 -16.92 -18.13 11.42
N LYS B 80 -17.32 -19.33 11.02
CA LYS B 80 -16.62 -20.60 11.24
C LYS B 80 -16.14 -21.03 9.87
N VAL B 81 -14.91 -21.48 9.74
CA VAL B 81 -14.47 -22.11 8.47
C VAL B 81 -15.45 -23.27 8.16
N GLY B 82 -15.94 -23.36 6.93
CA GLY B 82 -16.78 -24.45 6.41
C GLY B 82 -18.26 -24.20 6.63
N GLU B 83 -18.65 -23.08 7.23
CA GLU B 83 -20.07 -22.78 7.46
C GLU B 83 -20.42 -21.47 6.72
N GLU B 84 -21.49 -21.50 5.93
CA GLU B 84 -22.01 -20.28 5.26
C GLU B 84 -22.35 -19.23 6.32
N PHE B 85 -22.04 -17.97 6.02
CA PHE B 85 -22.40 -16.78 6.78
C PHE B 85 -22.68 -15.65 5.80
N GLU B 86 -23.13 -14.52 6.32
CA GLU B 86 -23.40 -13.29 5.53
C GLU B 86 -22.49 -12.17 6.00
N GLU B 87 -22.07 -11.34 5.05
CA GLU B 87 -21.20 -10.16 5.28
C GLU B 87 -21.52 -9.25 4.09
N GLN B 88 -20.70 -8.25 3.84
CA GLN B 88 -20.80 -7.45 2.59
C GLN B 88 -19.52 -7.70 1.80
N THR B 89 -19.65 -7.59 0.49
CA THR B 89 -18.54 -7.35 -0.44
C THR B 89 -17.78 -6.08 0.00
N VAL B 90 -16.54 -5.95 -0.42
CA VAL B 90 -15.70 -4.75 -0.10
C VAL B 90 -16.50 -3.49 -0.52
N ASP B 91 -17.37 -3.55 -1.56
CA ASP B 91 -18.14 -2.38 -2.06
C ASP B 91 -19.50 -2.25 -1.38
N GLY B 92 -19.73 -3.04 -0.32
CA GLY B 92 -20.87 -2.89 0.61
C GLY B 92 -22.14 -3.61 0.16
N ARG B 93 -22.07 -4.56 -0.78
CA ARG B 93 -23.25 -5.36 -1.21
C ARG B 93 -23.37 -6.60 -0.31
N PRO B 94 -24.55 -6.85 0.30
CA PRO B 94 -24.79 -8.09 1.05
C PRO B 94 -24.52 -9.34 0.21
N CYS B 95 -23.80 -10.30 0.78
CA CYS B 95 -23.35 -11.55 0.12
C CYS B 95 -23.38 -12.70 1.12
N LYS B 96 -23.61 -13.91 0.64
CA LYS B 96 -23.39 -15.19 1.35
C LYS B 96 -21.94 -15.61 1.11
N SER B 97 -21.20 -15.93 2.16
CA SER B 97 -19.74 -16.20 2.14
C SER B 97 -19.46 -17.59 2.71
N LEU B 98 -18.50 -18.31 2.15
CA LEU B 98 -18.06 -19.62 2.67
C LEU B 98 -16.54 -19.66 2.63
N VAL B 99 -15.93 -19.84 3.80
CA VAL B 99 -14.46 -19.85 4.00
C VAL B 99 -14.01 -21.31 4.08
N LYS B 100 -12.93 -21.64 3.40
CA LYS B 100 -12.23 -22.95 3.46
C LYS B 100 -10.74 -22.69 3.70
N TRP B 101 -10.06 -23.64 4.31
CA TRP B 101 -8.58 -23.64 4.38
C TRP B 101 -8.05 -24.05 3.02
N GLU B 102 -7.32 -23.18 2.33
CA GLU B 102 -6.57 -23.59 1.10
C GLU B 102 -5.35 -24.42 1.54
N SER B 103 -4.78 -24.07 2.68
CA SER B 103 -3.71 -24.78 3.41
C SER B 103 -3.82 -24.39 4.87
N GLU B 104 -2.99 -25.01 5.70
CA GLU B 104 -2.87 -24.83 7.17
C GLU B 104 -2.89 -23.33 7.54
N ASN B 105 -2.32 -22.43 6.72
CA ASN B 105 -2.12 -21.02 7.14
C ASN B 105 -2.88 -20.03 6.23
N LYS B 106 -3.64 -20.49 5.23
CA LYS B 106 -4.36 -19.58 4.31
C LYS B 106 -5.81 -20.03 4.13
N MET B 107 -6.75 -19.15 4.49
CA MET B 107 -8.20 -19.33 4.24
C MET B 107 -8.59 -18.53 2.99
N VAL B 108 -9.57 -19.06 2.26
CA VAL B 108 -10.09 -18.50 0.98
C VAL B 108 -11.61 -18.42 1.13
N CYS B 109 -12.17 -17.27 0.80
CA CYS B 109 -13.62 -17.02 0.94
C CYS B 109 -14.23 -16.83 -0.46
N GLU B 110 -15.16 -17.71 -0.81
CA GLU B 110 -16.09 -17.51 -1.94
C GLU B 110 -17.25 -16.63 -1.47
N GLN B 111 -17.62 -15.60 -2.26
CA GLN B 111 -18.78 -14.70 -2.02
C GLN B 111 -19.84 -14.85 -3.13
N LYS B 112 -21.13 -14.90 -2.76
CA LYS B 112 -22.27 -14.88 -3.72
C LYS B 112 -23.19 -13.72 -3.33
N LEU B 113 -23.40 -12.76 -4.22
CA LEU B 113 -24.36 -11.62 -3.99
C LEU B 113 -25.76 -12.16 -3.64
N LEU B 114 -26.42 -11.56 -2.67
CA LEU B 114 -27.81 -11.89 -2.28
C LEU B 114 -28.76 -11.27 -3.30
N LYS B 115 -28.47 -10.06 -3.78
CA LYS B 115 -29.31 -9.38 -4.80
C LYS B 115 -28.44 -8.93 -5.98
N GLY B 116 -28.93 -9.19 -7.19
CA GLY B 116 -28.39 -8.62 -8.43
C GLY B 116 -27.10 -9.28 -8.85
N GLU B 117 -26.33 -8.57 -9.66
CA GLU B 117 -25.21 -9.12 -10.44
C GLU B 117 -24.01 -8.24 -10.18
N GLY B 118 -22.80 -8.80 -10.33
CA GLY B 118 -21.56 -8.02 -10.35
C GLY B 118 -20.37 -8.90 -10.63
N PRO B 119 -19.17 -8.32 -10.65
CA PRO B 119 -17.94 -9.11 -10.68
C PRO B 119 -17.95 -10.19 -9.61
N LYS B 120 -17.25 -11.29 -9.89
CA LYS B 120 -17.03 -12.38 -8.92
C LYS B 120 -16.04 -11.88 -7.87
N THR B 121 -16.44 -11.83 -6.61
CA THR B 121 -15.55 -11.33 -5.52
C THR B 121 -15.16 -12.50 -4.63
N SER B 122 -13.97 -12.39 -4.06
CA SER B 122 -13.43 -13.34 -3.06
C SER B 122 -12.43 -12.58 -2.18
N TRP B 123 -12.04 -13.17 -1.06
CA TRP B 123 -10.91 -12.69 -0.26
C TRP B 123 -10.14 -13.90 0.27
N THR B 124 -8.89 -13.66 0.66
CA THR B 124 -8.03 -14.64 1.33
C THR B 124 -7.34 -13.97 2.51
N ARG B 125 -7.13 -14.73 3.57
CA ARG B 125 -6.30 -14.29 4.71
C ARG B 125 -5.27 -15.38 4.98
N GLU B 126 -4.01 -14.98 5.03
CA GLU B 126 -2.86 -15.87 5.23
C GLU B 126 -2.04 -15.32 6.39
N LEU B 127 -1.66 -16.21 7.32
CA LEU B 127 -0.68 -15.86 8.35
C LEU B 127 0.64 -16.52 8.00
N THR B 128 1.62 -15.74 7.59
CA THR B 128 2.91 -16.27 7.04
C THR B 128 3.82 -16.75 8.17
N ASN B 129 4.83 -17.54 7.81
CA ASN B 129 5.96 -17.97 8.66
C ASN B 129 6.62 -16.74 9.28
N ASP B 130 6.64 -15.58 8.60
CA ASP B 130 7.25 -14.33 9.14
C ASP B 130 6.31 -13.57 10.10
N GLY B 131 5.16 -14.13 10.43
CA GLY B 131 4.15 -13.50 11.30
C GLY B 131 3.42 -12.33 10.63
N GLU B 132 3.42 -12.25 9.31
CA GLU B 132 2.59 -11.23 8.61
C GLU B 132 1.21 -11.81 8.30
N LEU B 133 0.21 -10.96 8.39
CA LEU B 133 -1.16 -11.27 7.93
C LEU B 133 -1.32 -10.64 6.55
N ILE B 134 -1.58 -11.46 5.54
CA ILE B 134 -1.79 -11.01 4.15
C ILE B 134 -3.27 -11.22 3.81
N LEU B 135 -3.92 -10.12 3.48
CA LEU B 135 -5.31 -10.09 2.96
C LEU B 135 -5.21 -9.87 1.44
N THR B 136 -5.91 -10.68 0.66
CA THR B 136 -6.16 -10.40 -0.76
C THR B 136 -7.68 -10.30 -0.91
N MET B 137 -8.10 -9.36 -1.75
CA MET B 137 -9.50 -9.13 -2.11
C MET B 137 -9.53 -9.11 -3.63
N THR B 138 -10.39 -9.94 -4.23
CA THR B 138 -10.46 -10.12 -5.69
C THR B 138 -11.84 -9.70 -6.18
N ALA B 139 -11.85 -9.04 -7.33
CA ALA B 139 -13.05 -8.69 -8.13
C ALA B 139 -12.67 -8.99 -9.59
N ASP B 140 -13.27 -10.05 -10.15
CA ASP B 140 -12.87 -10.59 -11.48
C ASP B 140 -11.35 -10.75 -11.53
N ASP B 141 -10.71 -9.98 -12.40
CA ASP B 141 -9.26 -10.15 -12.71
C ASP B 141 -8.43 -9.30 -11.74
N VAL B 142 -9.03 -8.40 -10.96
CA VAL B 142 -8.24 -7.42 -10.15
C VAL B 142 -7.98 -8.02 -8.76
N VAL B 143 -6.73 -7.97 -8.31
CA VAL B 143 -6.33 -8.50 -6.98
C VAL B 143 -5.74 -7.34 -6.14
N CYS B 144 -6.42 -6.99 -5.06
CA CYS B 144 -5.86 -6.08 -4.03
C CYS B 144 -5.13 -6.93 -3.00
N THR B 145 -3.90 -6.53 -2.63
CA THR B 145 -3.13 -7.21 -1.59
C THR B 145 -2.81 -6.22 -0.47
N ARG B 146 -3.05 -6.65 0.76
CA ARG B 146 -2.75 -5.85 1.97
C ARG B 146 -1.95 -6.70 2.95
N VAL B 147 -0.83 -6.15 3.44
CA VAL B 147 0.08 -6.81 4.40
C VAL B 147 0.09 -6.05 5.72
N TYR B 148 -0.08 -6.80 6.80
CA TYR B 148 -0.20 -6.33 8.19
C TYR B 148 0.83 -7.03 9.04
N VAL B 149 1.22 -6.35 10.10
CA VAL B 149 2.05 -6.89 11.21
C VAL B 149 1.32 -6.62 12.53
N ARG B 150 1.67 -7.42 13.53
CA ARG B 150 1.10 -7.30 14.89
C ARG B 150 1.41 -5.88 15.37
N GLU B 151 0.43 -5.21 15.94
CA GLU B 151 0.56 -3.83 16.46
C GLU B 151 1.64 -3.85 17.54
#